data_2AWE
#
_entry.id   2AWE
#
_cell.length_a   82.667
_cell.length_b   82.667
_cell.length_c   74.154
_cell.angle_alpha   90.00
_cell.angle_beta   90.00
_cell.angle_gamma   90.00
#
_symmetry.space_group_name_H-M   'I 41 2 2'
#
loop_
_entity.id
_entity.type
_entity.pdbx_description
1 polymer "5'-R(*UP*(BGM)P*GP*UP*GP*U)-3'"
2 non-polymer 'POTASSIUM ION'
3 non-polymer 'STRONTIUM ION'
4 water water
#
_entity_poly.entity_id   1
_entity_poly.type   'polyribonucleotide'
_entity_poly.pdbx_seq_one_letter_code
;U(BGM)GUGU
;
_entity_poly.pdbx_strand_id   A,B,C,D,E,F,G,H
#